data_2DT3
#
_entry.id   2DT3
#
_cell.length_a   62.300
_cell.length_b   66.420
_cell.length_c   106.620
_cell.angle_alpha   90.00
_cell.angle_beta   90.00
_cell.angle_gamma   90.00
#
_symmetry.space_group_name_H-M   'P 21 21 21'
#
loop_
_entity.id
_entity.type
_entity.pdbx_description
1 polymer 'Chitinase-3-like protein 1'
2 branched alpha-D-mannopyranose-(1-4)-alpha-D-mannopyranose-(1-4)-alpha-D-mannopyranose-(1-4)-2-acetamido-2-deoxy-beta-D-glucopyranose-(1-4)-2-acetamido-2-deoxy-beta-D-glucopyranose
3 branched 2-acetamido-2-deoxy-beta-D-glucopyranose-(1-4)-2-acetamido-2-deoxy-beta-D-glucopyranose-(1-4)-2-acetamido-2-deoxy-beta-D-glucopyranose-(1-4)-2-acetamido-2-deoxy-beta-D-glucopyranose-(1-4)-2-acetamido-2-deoxy-beta-D-glucopyranose-(1-4)-2-acetamido-2-deoxy-beta-D-glucopyranose
4 water water
#
_entity_poly.entity_id   1
_entity_poly.type   'polypeptide(L)'
_entity_poly.pdbx_seq_one_letter_code
;YKLICYYTSWSQYREGDGSCFPDAIDPFLCTHVIYSFANISNNEIDTWEWNDVTLYDTLNTLKNRNPKLKTLLSVGGWNF
GPERFSKIASKTQSRRTFIKSVPPFLRTHGFDGLDLAWLYPGRRDKRHLTALVKEMKAEFAREAQAGTERLLLSAAVSAG
KIAIDRGYDIAQISRHLDFISLLTYDFHGAWRQTVGHHSPLFRGNSDASSRFSNADYAVSYMLRLGAPANKLVMGIPTFG
RSFTLASSKTDVGAPISGPGIPGRFTKEKGILAYYEICDFLHGATTHRFRDQQVPYATKGNQWVAYDDQESVKNKARYLK
NRQLAGAMVWALDLDDFRGTFCGQNLTFPLTSAVKDVLARV
;
_entity_poly.pdbx_strand_id   A
#
loop_
_chem_comp.id
_chem_comp.type
_chem_comp.name
_chem_comp.formula
MAN D-saccharide, alpha linking alpha-D-mannopyranose 'C6 H12 O6'
NAG D-saccharide, beta linking 2-acetamido-2-deoxy-beta-D-glucopyranose 'C8 H15 N O6'
#
# COMPACT_ATOMS: atom_id res chain seq x y z
N TYR A 1 0.00 -2.78 18.18
CA TYR A 1 -0.33 -2.26 16.83
C TYR A 1 0.52 -2.96 15.78
N LYS A 2 -0.02 -3.09 14.56
CA LYS A 2 0.73 -3.71 13.47
C LYS A 2 1.30 -2.65 12.54
N LEU A 3 2.50 -2.89 12.02
CA LEU A 3 3.11 -1.99 11.06
C LEU A 3 3.44 -2.85 9.84
N ILE A 4 2.53 -2.82 8.86
CA ILE A 4 2.63 -3.58 7.62
C ILE A 4 3.38 -2.75 6.57
N CYS A 5 4.53 -3.23 6.12
CA CYS A 5 5.32 -2.50 5.13
C CYS A 5 5.58 -3.27 3.84
N TYR A 6 5.31 -2.62 2.71
CA TYR A 6 5.54 -3.23 1.41
C TYR A 6 6.93 -2.93 0.85
N TYR A 7 7.49 -3.92 0.16
CA TYR A 7 8.78 -3.80 -0.51
C TYR A 7 8.46 -4.20 -1.95
N THR A 8 8.89 -3.39 -2.91
CA THR A 8 8.62 -3.69 -4.31
C THR A 8 9.81 -4.35 -5.01
N SER A 9 9.49 -5.34 -5.83
CA SER A 9 10.50 -6.10 -6.55
C SER A 9 11.33 -5.28 -7.53
N TRP A 10 10.66 -4.43 -8.28
CA TRP A 10 11.31 -3.62 -9.28
C TRP A 10 12.22 -2.49 -8.78
N SER A 11 12.21 -2.21 -7.49
CA SER A 11 13.03 -1.12 -6.96
C SER A 11 14.53 -1.44 -7.04
N GLN A 12 14.85 -2.71 -7.25
CA GLN A 12 16.25 -3.14 -7.36
C GLN A 12 16.91 -2.55 -8.61
N TYR A 13 16.10 -2.25 -9.62
CA TYR A 13 16.57 -1.75 -10.90
C TYR A 13 16.81 -0.24 -11.01
N ARG A 14 16.62 0.50 -9.93
CA ARG A 14 16.82 1.94 -9.98
C ARG A 14 18.31 2.26 -9.88
N GLU A 15 18.75 3.27 -10.63
CA GLU A 15 20.16 3.64 -10.65
C GLU A 15 20.69 4.27 -9.37
N GLY A 16 22.00 4.14 -9.18
CA GLY A 16 22.66 4.70 -8.02
C GLY A 16 21.98 4.40 -6.69
N ASP A 17 21.90 5.42 -5.85
CA ASP A 17 21.29 5.33 -4.53
C ASP A 17 19.82 4.89 -4.56
N GLY A 18 19.16 5.08 -5.69
CA GLY A 18 17.76 4.68 -5.78
C GLY A 18 17.55 3.20 -5.62
N SER A 19 18.54 2.41 -6.05
CA SER A 19 18.49 0.95 -5.97
C SER A 19 18.28 0.46 -4.55
N CYS A 20 17.30 -0.42 -4.37
CA CYS A 20 16.99 -0.95 -3.05
C CYS A 20 16.77 -2.46 -3.02
N PHE A 21 17.51 -3.14 -2.14
CA PHE A 21 17.38 -4.58 -1.96
C PHE A 21 16.85 -4.86 -0.55
N PRO A 22 16.12 -5.98 -0.37
CA PRO A 22 15.53 -6.40 0.92
C PRO A 22 16.52 -6.20 2.06
N ASP A 23 17.76 -6.40 1.68
CA ASP A 23 18.95 -6.29 2.51
C ASP A 23 19.07 -4.90 3.19
N ALA A 24 18.43 -3.89 2.63
CA ALA A 24 18.47 -2.53 3.17
C ALA A 24 17.41 -2.29 4.25
N ILE A 25 16.54 -3.26 4.45
CA ILE A 25 15.46 -3.15 5.42
C ILE A 25 15.81 -3.42 6.89
N ASP A 26 15.41 -2.49 7.75
CA ASP A 26 15.64 -2.60 9.19
C ASP A 26 14.69 -3.69 9.70
N PRO A 27 15.23 -4.82 10.19
CA PRO A 27 14.46 -5.95 10.72
C PRO A 27 13.48 -5.61 11.82
N PHE A 28 13.77 -4.56 12.56
CA PHE A 28 12.93 -4.16 13.68
C PHE A 28 11.99 -3.00 13.39
N LEU A 29 12.04 -2.50 12.17
CA LEU A 29 11.18 -1.37 11.79
C LEU A 29 9.70 -1.76 11.73
N CYS A 30 9.38 -2.77 10.94
CA CYS A 30 8.00 -3.19 10.76
C CYS A 30 7.70 -4.51 11.45
N THR A 31 6.42 -4.84 11.59
CA THR A 31 6.03 -6.11 12.21
C THR A 31 5.82 -7.11 11.06
N HIS A 32 5.34 -6.60 9.93
CA HIS A 32 5.10 -7.41 8.74
C HIS A 32 5.66 -6.71 7.50
N VAL A 33 6.35 -7.49 6.65
CA VAL A 33 6.90 -6.96 5.41
C VAL A 33 6.32 -7.80 4.27
N ILE A 34 5.71 -7.12 3.30
CA ILE A 34 5.10 -7.79 2.16
C ILE A 34 5.92 -7.56 0.90
N TYR A 35 6.23 -8.64 0.20
CA TYR A 35 6.99 -8.59 -1.03
C TYR A 35 5.98 -8.48 -2.18
N SER A 36 6.17 -7.48 -3.05
CA SER A 36 5.28 -7.25 -4.20
C SER A 36 6.07 -7.36 -5.49
N PHE A 37 5.60 -8.11 -6.47
CA PHE A 37 4.35 -8.87 -6.45
C PHE A 37 4.66 -10.26 -7.01
N ALA A 38 3.78 -11.21 -6.75
CA ALA A 38 3.93 -12.55 -7.27
C ALA A 38 3.03 -12.57 -8.50
N ASN A 39 3.24 -13.55 -9.36
CA ASN A 39 2.48 -13.68 -10.58
C ASN A 39 1.66 -14.96 -10.58
N ILE A 40 0.85 -15.15 -11.61
CA ILE A 40 0.04 -16.36 -11.74
C ILE A 40 0.22 -16.93 -13.14
N SER A 41 0.78 -18.12 -13.22
CA SER A 41 1.00 -18.81 -14.49
C SER A 41 0.39 -20.20 -14.42
N ASN A 42 -0.38 -20.55 -15.44
CA ASN A 42 -1.03 -21.86 -15.48
C ASN A 42 -1.83 -22.08 -14.20
N ASN A 43 -2.50 -21.02 -13.77
CA ASN A 43 -3.34 -21.00 -12.58
C ASN A 43 -2.61 -21.34 -11.29
N GLU A 44 -1.32 -21.06 -11.26
CA GLU A 44 -0.52 -21.32 -10.08
C GLU A 44 0.32 -20.10 -9.72
N ILE A 45 0.55 -19.91 -8.41
CA ILE A 45 1.34 -18.79 -7.98
C ILE A 45 2.75 -19.01 -8.52
N ASP A 46 3.39 -17.93 -8.96
CA ASP A 46 4.72 -18.05 -9.54
C ASP A 46 5.54 -16.80 -9.24
N THR A 47 6.84 -16.88 -9.51
CA THR A 47 7.74 -15.76 -9.29
C THR A 47 7.49 -14.74 -10.39
N TRP A 48 8.03 -13.54 -10.25
CA TRP A 48 7.83 -12.51 -11.26
C TRP A 48 9.15 -12.08 -11.90
N GLU A 49 10.07 -11.63 -11.07
CA GLU A 49 11.37 -11.19 -11.54
C GLU A 49 12.27 -12.41 -11.65
N TRP A 50 13.25 -12.35 -12.55
CA TRP A 50 14.18 -13.45 -12.77
C TRP A 50 14.92 -13.87 -11.50
N ASN A 51 15.17 -12.93 -10.60
CA ASN A 51 15.89 -13.25 -9.38
C ASN A 51 15.06 -13.26 -8.10
N ASP A 52 13.75 -13.46 -8.22
CA ASP A 52 12.90 -13.48 -7.03
C ASP A 52 13.29 -14.51 -5.97
N VAL A 53 13.62 -15.74 -6.37
CA VAL A 53 13.99 -16.73 -5.35
C VAL A 53 15.18 -16.24 -4.52
N THR A 54 16.11 -15.54 -5.16
CA THR A 54 17.27 -15.00 -4.46
C THR A 54 16.81 -13.87 -3.52
N LEU A 55 15.98 -12.97 -4.04
CA LEU A 55 15.48 -11.86 -3.22
C LEU A 55 14.56 -12.36 -2.11
N TYR A 56 13.74 -13.37 -2.41
CA TYR A 56 12.84 -13.95 -1.41
C TYR A 56 13.72 -14.37 -0.23
N ASP A 57 14.79 -15.06 -0.57
CA ASP A 57 15.75 -15.59 0.39
C ASP A 57 16.39 -14.48 1.22
N THR A 58 16.81 -13.40 0.56
CA THR A 58 17.44 -12.26 1.24
C THR A 58 16.49 -11.60 2.26
N LEU A 59 15.23 -11.43 1.86
CA LEU A 59 14.22 -10.81 2.71
C LEU A 59 13.92 -11.67 3.95
N ASN A 60 13.76 -12.97 3.72
CA ASN A 60 13.44 -13.87 4.81
C ASN A 60 14.60 -14.15 5.78
N THR A 61 15.81 -13.73 5.42
CA THR A 61 16.93 -13.93 6.33
C THR A 61 16.82 -12.89 7.43
N LEU A 62 16.10 -11.80 7.18
CA LEU A 62 15.92 -10.74 8.18
C LEU A 62 15.28 -11.33 9.45
N LYS A 63 14.55 -12.43 9.29
CA LYS A 63 13.92 -13.07 10.43
C LYS A 63 14.95 -13.76 11.33
N ASN A 64 16.20 -13.85 10.87
CA ASN A 64 17.25 -14.44 11.68
C ASN A 64 17.66 -13.40 12.72
N ARG A 65 17.42 -12.13 12.41
CA ARG A 65 17.75 -11.05 13.32
C ARG A 65 16.56 -10.70 14.21
N ASN A 66 15.36 -10.73 13.64
CA ASN A 66 14.14 -10.44 14.39
C ASN A 66 13.21 -11.62 14.15
N PRO A 67 13.17 -12.55 15.13
CA PRO A 67 12.34 -13.76 15.07
C PRO A 67 10.85 -13.47 15.05
N LYS A 68 10.47 -12.28 15.49
CA LYS A 68 9.05 -11.89 15.53
C LYS A 68 8.54 -11.39 14.18
N LEU A 69 9.46 -10.98 13.31
CA LEU A 69 9.10 -10.47 12.00
C LEU A 69 8.32 -11.48 11.16
N LYS A 70 7.27 -11.01 10.50
CA LYS A 70 6.44 -11.87 9.64
C LYS A 70 6.53 -11.34 8.21
N THR A 71 6.64 -12.23 7.25
CA THR A 71 6.70 -11.80 5.85
C THR A 71 5.55 -12.42 5.07
N LEU A 72 5.06 -11.69 4.08
CA LEU A 72 3.99 -12.20 3.24
C LEU A 72 4.35 -11.92 1.80
N LEU A 73 3.78 -12.68 0.90
CA LEU A 73 4.01 -12.48 -0.52
C LEU A 73 2.69 -11.98 -1.07
N SER A 74 2.72 -10.87 -1.79
CA SER A 74 1.51 -10.31 -2.36
C SER A 74 1.31 -10.75 -3.83
N VAL A 75 0.09 -11.16 -4.17
CA VAL A 75 -0.24 -11.57 -5.54
C VAL A 75 -1.11 -10.53 -6.21
N GLY A 76 -0.78 -10.18 -7.45
CA GLY A 76 -1.59 -9.20 -8.16
C GLY A 76 -0.83 -7.93 -8.43
N GLY A 77 -1.36 -6.82 -7.94
CA GLY A 77 -0.72 -5.54 -8.18
C GLY A 77 -1.41 -4.79 -9.30
N TRP A 78 -1.03 -3.55 -9.53
CA TRP A 78 -1.65 -2.74 -10.57
C TRP A 78 -1.25 -3.12 -12.00
N ASN A 79 -0.10 -3.75 -12.19
CA ASN A 79 0.37 -4.15 -13.53
C ASN A 79 -0.19 -5.48 -14.03
N PHE A 80 -0.68 -6.25 -13.09
CA PHE A 80 -1.27 -7.57 -13.28
C PHE A 80 -2.73 -7.26 -13.68
N GLY A 81 -3.20 -7.67 -14.82
CA GLY A 81 -4.59 -7.33 -15.20
C GLY A 81 -5.69 -7.89 -14.30
N PRO A 82 -6.69 -7.08 -13.90
CA PRO A 82 -7.81 -7.54 -13.04
C PRO A 82 -8.61 -8.66 -13.70
N GLU A 83 -8.65 -8.66 -15.03
CA GLU A 83 -9.38 -9.66 -15.79
C GLU A 83 -8.80 -11.03 -15.48
N ARG A 84 -7.48 -11.08 -15.33
CA ARG A 84 -6.80 -12.32 -15.03
C ARG A 84 -7.27 -12.89 -13.69
N PHE A 85 -7.37 -12.02 -12.69
CA PHE A 85 -7.84 -12.46 -11.38
C PHE A 85 -9.28 -12.91 -11.53
N SER A 86 -10.05 -12.10 -12.25
CA SER A 86 -11.46 -12.39 -12.47
C SER A 86 -11.69 -13.76 -13.12
N LYS A 87 -10.89 -14.08 -14.12
CA LYS A 87 -11.00 -15.33 -14.84
C LYS A 87 -10.72 -16.53 -13.93
N ILE A 88 -9.67 -16.42 -13.11
CA ILE A 88 -9.28 -17.49 -12.20
C ILE A 88 -10.29 -17.74 -11.08
N ALA A 89 -10.81 -16.66 -10.50
CA ALA A 89 -11.77 -16.79 -9.41
C ALA A 89 -13.17 -17.24 -9.79
N SER A 90 -13.56 -16.96 -11.04
CA SER A 90 -14.90 -17.31 -11.54
C SER A 90 -15.22 -18.77 -11.74
N LYS A 91 -14.19 -19.58 -12.00
CA LYS A 91 -14.38 -21.01 -12.23
C LYS A 91 -13.82 -21.80 -11.06
N THR A 92 -14.69 -22.52 -10.37
CA THR A 92 -14.29 -23.30 -9.21
C THR A 92 -13.07 -24.19 -9.46
N GLN A 93 -12.91 -24.66 -10.68
CA GLN A 93 -11.78 -25.53 -11.02
C GLN A 93 -10.44 -24.80 -11.10
N SER A 94 -10.42 -23.63 -11.72
CA SER A 94 -9.18 -22.87 -11.82
C SER A 94 -8.85 -22.20 -10.48
N ARG A 95 -9.88 -21.91 -9.70
CA ARG A 95 -9.72 -21.28 -8.38
C ARG A 95 -9.09 -22.26 -7.39
N ARG A 96 -9.57 -23.50 -7.40
CA ARG A 96 -9.07 -24.52 -6.49
C ARG A 96 -7.62 -24.86 -6.84
N THR A 97 -7.29 -24.80 -8.12
CA THR A 97 -5.94 -25.09 -8.57
C THR A 97 -4.98 -24.03 -8.04
N PHE A 98 -5.41 -22.77 -8.10
CA PHE A 98 -4.59 -21.66 -7.61
C PHE A 98 -4.40 -21.80 -6.10
N ILE A 99 -5.50 -22.00 -5.38
CA ILE A 99 -5.51 -22.16 -3.92
C ILE A 99 -4.48 -23.20 -3.44
N LYS A 100 -4.51 -24.37 -4.07
CA LYS A 100 -3.63 -25.48 -3.71
C LYS A 100 -2.16 -25.26 -3.96
N SER A 101 -1.84 -24.42 -4.92
CA SER A 101 -0.46 -24.16 -5.26
C SER A 101 0.20 -23.19 -4.28
N VAL A 102 -0.63 -22.43 -3.57
CA VAL A 102 -0.10 -21.43 -2.66
C VAL A 102 0.68 -21.89 -1.43
N PRO A 103 0.06 -22.69 -0.55
CA PRO A 103 0.80 -23.13 0.65
C PRO A 103 2.20 -23.71 0.40
N PRO A 104 2.36 -24.63 -0.57
CA PRO A 104 3.67 -25.22 -0.85
C PRO A 104 4.70 -24.18 -1.27
N PHE A 105 4.27 -23.21 -2.08
CA PHE A 105 5.14 -22.14 -2.57
C PHE A 105 5.60 -21.27 -1.40
N LEU A 106 4.64 -20.88 -0.56
CA LEU A 106 4.96 -20.05 0.59
C LEU A 106 5.93 -20.79 1.51
N ARG A 107 5.71 -22.08 1.69
CA ARG A 107 6.58 -22.86 2.56
C ARG A 107 8.01 -23.01 1.99
N THR A 108 8.11 -23.28 0.70
CA THR A 108 9.42 -23.42 0.07
C THR A 108 10.28 -22.17 0.23
N HIS A 109 9.67 -21.01 0.06
CA HIS A 109 10.44 -19.77 0.16
C HIS A 109 10.43 -19.06 1.51
N GLY A 110 9.83 -19.66 2.51
CA GLY A 110 9.84 -19.09 3.84
C GLY A 110 8.92 -17.93 4.16
N PHE A 111 7.79 -17.84 3.48
CA PHE A 111 6.83 -16.77 3.74
C PHE A 111 5.84 -17.22 4.80
N ASP A 112 5.33 -16.28 5.58
CA ASP A 112 4.38 -16.61 6.62
C ASP A 112 2.93 -16.39 6.16
N GLY A 113 2.77 -15.87 4.96
CA GLY A 113 1.43 -15.64 4.48
C GLY A 113 1.31 -15.12 3.06
N LEU A 114 0.06 -14.94 2.64
CA LEU A 114 -0.25 -14.46 1.31
C LEU A 114 -1.10 -13.20 1.38
N ASP A 115 -0.74 -12.20 0.56
CA ASP A 115 -1.51 -10.96 0.50
C ASP A 115 -2.17 -10.86 -0.88
N LEU A 116 -3.48 -10.66 -0.88
CA LEU A 116 -4.24 -10.54 -2.12
C LEU A 116 -4.39 -9.10 -2.58
N ALA A 117 -3.86 -8.79 -3.77
CA ALA A 117 -3.94 -7.44 -4.31
C ALA A 117 -4.69 -7.43 -5.66
N TRP A 118 -5.96 -7.79 -5.64
CA TRP A 118 -6.80 -7.80 -6.84
C TRP A 118 -7.27 -6.35 -6.97
N LEU A 119 -6.82 -5.66 -8.01
CA LEU A 119 -7.18 -4.24 -8.20
C LEU A 119 -7.72 -3.97 -9.60
N TYR A 120 -9.04 -3.95 -9.79
CA TYR A 120 -10.03 -4.17 -8.73
C TYR A 120 -11.16 -5.07 -9.17
N PRO A 121 -11.91 -5.63 -8.20
CA PRO A 121 -13.05 -6.50 -8.48
C PRO A 121 -14.22 -5.64 -8.92
N GLY A 122 -14.92 -6.06 -9.95
CA GLY A 122 -16.07 -5.31 -10.43
C GLY A 122 -17.33 -5.92 -9.85
N ARG A 123 -18.48 -5.42 -10.31
CA ARG A 123 -19.79 -5.90 -9.87
C ARG A 123 -19.94 -7.43 -10.00
N ARG A 124 -19.53 -7.96 -11.15
CA ARG A 124 -19.66 -9.40 -11.39
C ARG A 124 -18.65 -10.24 -10.63
N ASP A 125 -17.62 -9.59 -10.09
CA ASP A 125 -16.56 -10.28 -9.35
C ASP A 125 -16.81 -10.48 -7.87
N LYS A 126 -17.58 -9.58 -7.25
CA LYS A 126 -17.84 -9.62 -5.82
C LYS A 126 -18.07 -11.02 -5.21
N ARG A 127 -19.02 -11.75 -5.76
CA ARG A 127 -19.34 -13.09 -5.26
C ARG A 127 -18.14 -14.04 -5.31
N HIS A 128 -17.33 -13.93 -6.35
CA HIS A 128 -16.16 -14.80 -6.50
C HIS A 128 -14.99 -14.40 -5.60
N LEU A 129 -14.89 -13.12 -5.31
CA LEU A 129 -13.82 -12.63 -4.43
C LEU A 129 -14.07 -13.31 -3.09
N THR A 130 -15.31 -13.29 -2.66
CA THR A 130 -15.69 -13.90 -1.40
C THR A 130 -15.36 -15.40 -1.39
N ALA A 131 -15.70 -16.11 -2.46
CA ALA A 131 -15.44 -17.54 -2.54
C ALA A 131 -13.92 -17.78 -2.47
N LEU A 132 -13.17 -16.97 -3.21
CA LEU A 132 -11.71 -17.08 -3.24
C LEU A 132 -11.09 -16.90 -1.86
N VAL A 133 -11.52 -15.87 -1.14
CA VAL A 133 -11.01 -15.58 0.19
C VAL A 133 -11.36 -16.69 1.17
N LYS A 134 -12.63 -17.08 1.16
CA LYS A 134 -13.14 -18.11 2.04
C LYS A 134 -12.41 -19.44 1.83
N GLU A 135 -12.34 -19.88 0.57
CA GLU A 135 -11.69 -21.14 0.24
C GLU A 135 -10.18 -21.11 0.48
N MET A 136 -9.56 -19.96 0.26
CA MET A 136 -8.12 -19.85 0.50
C MET A 136 -7.88 -20.00 2.00
N LYS A 137 -8.70 -19.36 2.82
CA LYS A 137 -8.55 -19.44 4.27
C LYS A 137 -8.74 -20.88 4.73
N ALA A 138 -9.75 -21.56 4.18
CA ALA A 138 -10.02 -22.94 4.55
C ALA A 138 -8.82 -23.85 4.27
N GLU A 139 -8.09 -23.55 3.20
CA GLU A 139 -6.91 -24.31 2.82
C GLU A 139 -5.77 -24.05 3.80
N PHE A 140 -5.69 -22.82 4.30
CA PHE A 140 -4.64 -22.46 5.25
C PHE A 140 -4.88 -23.15 6.60
N ALA A 141 -6.15 -23.28 6.99
CA ALA A 141 -6.50 -23.92 8.26
C ALA A 141 -6.20 -25.41 8.14
N ARG A 142 -6.52 -25.96 6.99
CA ARG A 142 -6.29 -27.38 6.73
C ARG A 142 -4.78 -27.67 6.71
N GLU A 143 -4.01 -26.78 6.09
CA GLU A 143 -2.57 -26.97 5.99
C GLU A 143 -1.84 -26.87 7.33
N ALA A 144 -2.40 -26.13 8.27
CA ALA A 144 -1.78 -25.97 9.58
C ALA A 144 -1.81 -27.27 10.41
N GLN A 145 -2.60 -28.25 9.96
CA GLN A 145 -2.71 -29.52 10.65
C GLN A 145 -1.39 -30.28 10.58
N ALA A 146 -0.57 -29.92 9.60
CA ALA A 146 0.73 -30.57 9.40
C ALA A 146 1.71 -30.23 10.53
N GLY A 147 1.27 -29.37 11.46
CA GLY A 147 2.12 -29.02 12.58
C GLY A 147 2.87 -27.71 12.49
N THR A 148 2.74 -27.00 11.39
CA THR A 148 3.42 -25.72 11.22
C THR A 148 2.45 -24.56 11.39
N GLU A 149 2.95 -23.43 11.90
CA GLU A 149 2.12 -22.26 12.14
C GLU A 149 1.26 -21.81 10.96
N ARG A 150 -0.04 -21.69 11.20
CA ARG A 150 -1.01 -21.30 10.18
C ARG A 150 -0.59 -20.07 9.38
N LEU A 151 -0.66 -20.18 8.05
CA LEU A 151 -0.31 -19.09 7.17
C LEU A 151 -1.34 -17.96 7.34
N LEU A 152 -0.87 -16.72 7.17
CA LEU A 152 -1.74 -15.55 7.29
C LEU A 152 -2.35 -15.21 5.92
N LEU A 153 -3.53 -14.60 5.96
CA LEU A 153 -4.19 -14.19 4.73
C LEU A 153 -4.66 -12.75 4.85
N SER A 154 -4.20 -11.91 3.94
CA SER A 154 -4.57 -10.50 3.96
C SER A 154 -5.00 -10.06 2.56
N ALA A 155 -5.55 -8.86 2.48
CA ALA A 155 -5.99 -8.30 1.21
C ALA A 155 -5.86 -6.77 1.25
N ALA A 156 -5.47 -6.19 0.11
CA ALA A 156 -5.34 -4.74 -0.04
C ALA A 156 -6.65 -4.36 -0.69
N VAL A 157 -7.41 -3.49 -0.03
CA VAL A 157 -8.72 -3.07 -0.52
C VAL A 157 -8.83 -1.58 -0.87
N SER A 158 -9.57 -1.31 -1.94
CA SER A 158 -9.80 0.06 -2.39
C SER A 158 -10.39 0.91 -1.26
N ALA A 159 -10.03 2.20 -1.24
CA ALA A 159 -10.57 3.09 -0.23
C ALA A 159 -11.68 3.96 -0.83
N GLY A 160 -11.95 3.80 -2.12
CA GLY A 160 -12.99 4.59 -2.77
C GLY A 160 -14.35 3.97 -2.55
N LYS A 161 -15.31 4.80 -2.14
CA LYS A 161 -16.67 4.33 -1.87
C LYS A 161 -17.32 3.55 -3.01
N ILE A 162 -17.32 4.13 -4.21
CA ILE A 162 -17.93 3.47 -5.37
C ILE A 162 -17.27 2.12 -5.63
N ALA A 163 -15.96 2.06 -5.49
CA ALA A 163 -15.20 0.82 -5.70
C ALA A 163 -15.57 -0.21 -4.64
N ILE A 164 -15.76 0.25 -3.40
CA ILE A 164 -16.12 -0.64 -2.31
C ILE A 164 -17.51 -1.26 -2.51
N ASP A 165 -18.50 -0.42 -2.83
CA ASP A 165 -19.87 -0.88 -3.04
C ASP A 165 -19.97 -1.81 -4.25
N ARG A 166 -19.18 -1.49 -5.26
CA ARG A 166 -19.18 -2.25 -6.50
C ARG A 166 -18.64 -3.69 -6.39
N GLY A 167 -17.44 -3.87 -5.85
CA GLY A 167 -16.90 -5.22 -5.80
C GLY A 167 -16.53 -5.95 -4.53
N TYR A 168 -16.88 -5.44 -3.35
CA TYR A 168 -16.51 -6.13 -2.11
C TYR A 168 -17.64 -6.39 -1.14
N ASP A 169 -17.68 -7.61 -0.61
CA ASP A 169 -18.65 -7.99 0.39
C ASP A 169 -17.82 -7.90 1.69
N ILE A 170 -17.62 -6.68 2.17
CA ILE A 170 -16.81 -6.46 3.37
C ILE A 170 -17.17 -7.31 4.57
N ALA A 171 -18.45 -7.32 4.95
CA ALA A 171 -18.89 -8.13 6.09
C ALA A 171 -18.45 -9.59 5.98
N GLN A 172 -18.52 -10.14 4.77
CA GLN A 172 -18.15 -11.53 4.54
C GLN A 172 -16.64 -11.81 4.57
N ILE A 173 -15.87 -11.12 3.74
CA ILE A 173 -14.43 -11.36 3.70
C ILE A 173 -13.68 -10.98 4.97
N SER A 174 -14.24 -10.05 5.74
CA SER A 174 -13.62 -9.62 7.00
C SER A 174 -13.46 -10.77 7.98
N ARG A 175 -14.36 -11.74 7.95
CA ARG A 175 -14.26 -12.85 8.89
C ARG A 175 -13.19 -13.87 8.53
N HIS A 176 -12.74 -13.87 7.28
CA HIS A 176 -11.71 -14.83 6.86
C HIS A 176 -10.30 -14.25 6.74
N LEU A 177 -10.20 -12.92 6.62
CA LEU A 177 -8.90 -12.28 6.48
C LEU A 177 -8.31 -11.94 7.83
N ASP A 178 -6.99 -12.07 7.96
CA ASP A 178 -6.31 -11.75 9.21
C ASP A 178 -6.23 -10.24 9.41
N PHE A 179 -6.08 -9.51 8.30
CA PHE A 179 -6.10 -8.06 8.32
C PHE A 179 -6.43 -7.54 6.93
N ILE A 180 -6.92 -6.30 6.88
CA ILE A 180 -7.29 -5.66 5.63
C ILE A 180 -6.60 -4.32 5.54
N SER A 181 -5.81 -4.13 4.49
CA SER A 181 -5.12 -2.87 4.29
C SER A 181 -5.97 -1.97 3.41
N LEU A 182 -6.36 -0.82 3.96
CA LEU A 182 -7.16 0.16 3.23
C LEU A 182 -6.21 1.03 2.40
N LEU A 183 -6.39 1.05 1.08
CA LEU A 183 -5.54 1.85 0.21
C LEU A 183 -5.97 3.31 0.23
N THR A 184 -5.78 3.95 1.37
CA THR A 184 -6.19 5.34 1.54
C THR A 184 -5.21 6.37 1.01
N TYR A 185 -4.87 6.28 -0.28
CA TYR A 185 -3.94 7.24 -0.85
C TYR A 185 -3.98 7.46 -2.37
N ASP A 186 -5.01 6.97 -3.04
CA ASP A 186 -5.11 7.22 -4.48
C ASP A 186 -6.45 7.90 -4.69
N PHE A 187 -6.73 8.86 -3.82
CA PHE A 187 -7.98 9.60 -3.83
C PHE A 187 -8.19 10.64 -4.91
N HIS A 188 -7.13 11.21 -5.47
CA HIS A 188 -7.36 12.20 -6.51
C HIS A 188 -7.35 11.54 -7.88
N GLY A 189 -8.53 11.07 -8.28
CA GLY A 189 -8.72 10.40 -9.55
C GLY A 189 -7.86 10.89 -10.70
N ALA A 190 -7.10 9.97 -11.28
CA ALA A 190 -6.22 10.29 -12.39
C ALA A 190 -6.97 10.88 -13.58
N TRP A 191 -8.30 10.92 -13.50
CA TRP A 191 -9.10 11.43 -14.62
C TRP A 191 -9.04 12.92 -14.96
N ARG A 192 -9.42 13.82 -14.04
CA ARG A 192 -9.45 15.23 -14.39
C ARG A 192 -8.23 16.15 -14.27
N GLN A 193 -8.44 17.35 -14.82
CA GLN A 193 -7.48 18.44 -14.92
C GLN A 193 -7.29 19.39 -13.76
N THR A 194 -7.59 18.98 -12.53
CA THR A 194 -7.38 19.89 -11.42
C THR A 194 -6.32 19.40 -10.47
N VAL A 195 -5.84 20.31 -9.63
CA VAL A 195 -4.83 19.99 -8.65
C VAL A 195 -5.56 19.52 -7.39
N GLY A 196 -5.02 18.51 -6.73
CA GLY A 196 -5.65 17.99 -5.52
C GLY A 196 -4.73 17.04 -4.78
N HIS A 197 -5.03 16.78 -3.51
CA HIS A 197 -4.19 15.87 -2.74
C HIS A 197 -4.74 14.45 -2.81
N HIS A 198 -3.84 13.49 -3.02
CA HIS A 198 -4.20 12.09 -3.15
C HIS A 198 -4.40 11.32 -1.84
N SER A 199 -3.99 11.90 -0.71
CA SER A 199 -4.15 11.20 0.57
C SER A 199 -4.57 12.10 1.74
N PRO A 200 -5.60 12.94 1.55
CA PRO A 200 -5.99 13.78 2.67
C PRO A 200 -6.60 12.94 3.79
N LEU A 201 -6.38 13.37 5.04
CA LEU A 201 -6.92 12.67 6.19
C LEU A 201 -8.40 13.03 6.34
N PHE A 202 -8.68 14.32 6.25
CA PHE A 202 -10.04 14.82 6.39
C PHE A 202 -10.59 15.45 5.13
N ARG A 203 -11.91 15.55 5.11
CA ARG A 203 -12.68 16.12 4.01
C ARG A 203 -12.23 17.47 3.48
N GLY A 204 -12.03 18.43 4.37
CA GLY A 204 -11.63 19.75 3.92
C GLY A 204 -12.89 20.57 3.74
N ASN A 205 -13.31 21.21 4.83
CA ASN A 205 -14.52 22.04 4.89
C ASN A 205 -14.81 23.00 3.74
N SER A 206 -13.90 23.14 2.79
CA SER A 206 -14.14 24.06 1.68
C SER A 206 -14.45 23.37 0.35
N ASP A 207 -15.39 22.43 0.38
CA ASP A 207 -15.80 21.70 -0.82
C ASP A 207 -17.11 20.95 -0.50
N ALA A 208 -17.88 20.64 -1.55
CA ALA A 208 -19.15 19.94 -1.37
C ALA A 208 -19.14 18.48 -1.83
N SER A 209 -18.70 18.25 -3.07
CA SER A 209 -18.66 16.91 -3.63
C SER A 209 -17.46 16.09 -3.13
N SER A 210 -17.43 14.83 -3.56
CA SER A 210 -16.37 13.89 -3.18
C SER A 210 -16.00 13.96 -1.70
N ARG A 211 -17.01 14.04 -0.84
CA ARG A 211 -16.74 14.05 0.59
C ARG A 211 -16.23 12.65 0.89
N PHE A 212 -16.42 11.76 -0.08
CA PHE A 212 -15.99 10.38 0.06
C PHE A 212 -14.48 10.16 -0.07
N SER A 213 -13.78 11.10 -0.70
CA SER A 213 -12.36 10.97 -0.97
C SER A 213 -11.34 11.44 0.06
N ASN A 214 -11.32 10.80 1.22
CA ASN A 214 -10.37 11.13 2.28
C ASN A 214 -10.34 9.93 3.20
N ALA A 215 -9.24 9.76 3.91
CA ALA A 215 -9.07 8.62 4.81
C ALA A 215 -10.20 8.45 5.83
N ASP A 216 -10.61 9.55 6.46
CA ASP A 216 -11.66 9.49 7.47
C ASP A 216 -12.96 8.86 7.00
N TYR A 217 -13.43 9.26 5.83
CA TYR A 217 -14.67 8.68 5.32
C TYR A 217 -14.49 7.19 5.04
N ALA A 218 -13.39 6.83 4.38
CA ALA A 218 -13.11 5.44 4.04
C ALA A 218 -13.11 4.55 5.28
N VAL A 219 -12.43 5.00 6.34
CA VAL A 219 -12.38 4.24 7.58
C VAL A 219 -13.77 4.07 8.18
N SER A 220 -14.48 5.18 8.37
CA SER A 220 -15.82 5.16 8.95
C SER A 220 -16.74 4.23 8.18
N TYR A 221 -16.67 4.31 6.86
CA TYR A 221 -17.49 3.49 5.99
C TYR A 221 -17.20 2.00 6.20
N MET A 222 -15.93 1.62 6.19
CA MET A 222 -15.55 0.22 6.40
C MET A 222 -16.10 -0.30 7.72
N LEU A 223 -16.01 0.52 8.76
CA LEU A 223 -16.52 0.13 10.07
C LEU A 223 -18.03 -0.06 9.98
N ARG A 224 -18.68 0.82 9.23
CA ARG A 224 -20.12 0.74 9.05
C ARG A 224 -20.52 -0.50 8.24
N LEU A 225 -19.69 -0.90 7.28
CA LEU A 225 -20.02 -2.07 6.47
C LEU A 225 -19.81 -3.41 7.18
N GLY A 226 -19.16 -3.40 8.34
CA GLY A 226 -18.96 -4.64 9.07
C GLY A 226 -17.53 -5.05 9.37
N ALA A 227 -16.55 -4.33 8.83
CA ALA A 227 -15.17 -4.66 9.11
C ALA A 227 -14.80 -4.29 10.54
N PRO A 228 -14.30 -5.27 11.33
CA PRO A 228 -13.92 -4.99 12.72
C PRO A 228 -12.68 -4.11 12.76
N ALA A 229 -12.62 -3.18 13.71
CA ALA A 229 -11.49 -2.29 13.84
C ALA A 229 -10.17 -3.05 14.04
N ASN A 230 -10.19 -4.16 14.80
CA ASN A 230 -8.95 -4.89 15.03
C ASN A 230 -8.41 -5.63 13.81
N LYS A 231 -9.08 -5.51 12.68
CA LYS A 231 -8.63 -6.14 11.45
C LYS A 231 -8.30 -5.12 10.38
N LEU A 232 -8.65 -3.86 10.64
CA LEU A 232 -8.42 -2.76 9.72
C LEU A 232 -7.06 -2.09 9.85
N VAL A 233 -6.38 -1.94 8.73
CA VAL A 233 -5.07 -1.30 8.70
C VAL A 233 -5.12 -0.15 7.71
N MET A 234 -4.74 1.05 8.17
CA MET A 234 -4.78 2.24 7.32
C MET A 234 -3.49 2.50 6.52
N GLY A 235 -3.66 2.62 5.20
CA GLY A 235 -2.52 2.86 4.33
C GLY A 235 -2.00 4.28 4.38
N ILE A 236 -0.68 4.39 4.46
CA ILE A 236 0.00 5.67 4.51
C ILE A 236 1.02 5.66 3.39
N PRO A 237 0.92 6.62 2.45
CA PRO A 237 1.87 6.65 1.34
C PRO A 237 3.24 7.17 1.73
N THR A 238 4.24 6.74 0.98
CA THR A 238 5.60 7.15 1.23
C THR A 238 6.09 7.86 -0.04
N PHE A 239 5.16 8.05 -0.96
CA PHE A 239 5.43 8.72 -2.22
C PHE A 239 4.50 9.90 -2.36
N GLY A 240 4.75 10.72 -3.36
CA GLY A 240 3.91 11.87 -3.62
C GLY A 240 3.42 11.80 -5.05
N ARG A 241 2.40 12.58 -5.36
CA ARG A 241 1.87 12.62 -6.70
C ARG A 241 2.13 14.02 -7.25
N SER A 242 2.71 14.07 -8.44
CA SER A 242 3.08 15.33 -9.08
C SER A 242 2.22 15.73 -10.26
N PHE A 243 2.13 17.04 -10.49
CA PHE A 243 1.34 17.59 -11.60
C PHE A 243 2.13 18.69 -12.29
N THR A 244 1.86 18.88 -13.57
CA THR A 244 2.47 19.96 -14.33
C THR A 244 1.36 21.00 -14.46
N LEU A 245 1.56 22.14 -13.81
CA LEU A 245 0.58 23.21 -13.84
C LEU A 245 0.34 23.79 -15.23
N ALA A 246 -0.91 24.15 -15.52
CA ALA A 246 -1.26 24.71 -16.81
C ALA A 246 -1.26 26.24 -16.74
N SER A 247 -1.14 26.77 -15.53
CA SER A 247 -1.12 28.22 -15.33
C SER A 247 -0.28 28.54 -14.10
N SER A 248 -0.13 29.82 -13.82
CA SER A 248 0.65 30.26 -12.68
C SER A 248 -0.11 30.11 -11.36
N LYS A 249 -1.37 29.68 -11.44
CA LYS A 249 -2.17 29.50 -10.23
C LYS A 249 -1.67 28.23 -9.55
N THR A 250 -1.39 28.32 -8.25
CA THR A 250 -0.86 27.20 -7.49
C THR A 250 -1.77 26.65 -6.37
N ASP A 251 -2.90 27.29 -6.13
CA ASP A 251 -3.80 26.85 -5.08
C ASP A 251 -4.91 25.89 -5.49
N VAL A 252 -5.79 25.61 -4.55
CA VAL A 252 -6.91 24.68 -4.74
C VAL A 252 -7.69 24.90 -6.04
N GLY A 253 -7.94 23.82 -6.76
CA GLY A 253 -8.67 23.90 -8.01
C GLY A 253 -7.89 24.39 -9.21
N ALA A 254 -6.61 24.73 -8.99
CA ALA A 254 -5.76 25.22 -10.07
C ALA A 254 -5.74 24.26 -11.26
N PRO A 255 -5.68 24.79 -12.48
CA PRO A 255 -5.65 24.01 -13.73
C PRO A 255 -4.41 23.15 -13.89
N ILE A 256 -4.59 21.95 -14.46
CA ILE A 256 -3.51 21.01 -14.68
C ILE A 256 -3.40 20.64 -16.15
N SER A 257 -2.19 20.49 -16.65
CA SER A 257 -2.00 20.11 -18.03
C SER A 257 -1.66 18.62 -18.14
N GLY A 258 -1.25 18.04 -17.01
CA GLY A 258 -0.89 16.63 -16.99
C GLY A 258 -0.05 16.25 -15.78
N PRO A 259 0.51 15.03 -15.76
CA PRO A 259 1.34 14.54 -14.66
C PRO A 259 2.65 15.32 -14.56
N GLY A 260 3.25 15.31 -13.38
CA GLY A 260 4.51 16.02 -13.19
C GLY A 260 5.63 15.24 -13.87
N ILE A 261 6.72 15.92 -14.21
CA ILE A 261 7.84 15.26 -14.87
C ILE A 261 8.45 14.21 -13.95
N PRO A 262 9.03 13.14 -14.53
CA PRO A 262 9.66 12.05 -13.79
C PRO A 262 10.73 12.45 -12.77
N GLY A 263 10.97 11.57 -11.82
CA GLY A 263 11.99 11.82 -10.82
C GLY A 263 13.26 11.25 -11.42
N ARG A 264 14.41 11.68 -10.91
CA ARG A 264 15.69 11.20 -11.44
C ARG A 264 15.90 9.71 -11.23
N PHE A 265 15.41 9.17 -10.11
CA PHE A 265 15.59 7.76 -9.80
C PHE A 265 14.34 6.92 -10.05
N THR A 266 13.18 7.52 -9.78
CA THR A 266 11.92 6.82 -9.94
C THR A 266 11.49 6.69 -11.40
N LYS A 267 11.87 7.68 -12.20
CA LYS A 267 11.55 7.69 -13.63
C LYS A 267 10.12 7.25 -13.99
N GLU A 268 9.13 7.91 -13.38
CA GLU A 268 7.74 7.59 -13.68
C GLU A 268 6.88 8.83 -13.54
N LYS A 269 6.37 9.32 -14.66
CA LYS A 269 5.52 10.50 -14.69
C LYS A 269 4.40 10.35 -13.65
N GLY A 270 4.16 11.40 -12.88
CA GLY A 270 3.09 11.34 -11.90
C GLY A 270 3.46 11.06 -10.46
N ILE A 271 4.59 10.39 -10.22
CA ILE A 271 4.97 10.13 -8.84
C ILE A 271 6.44 10.41 -8.54
N LEU A 272 6.72 10.65 -7.26
CA LEU A 272 8.07 10.90 -6.79
C LEU A 272 8.23 10.16 -5.48
N ALA A 273 9.41 9.61 -5.24
CA ALA A 273 9.67 8.93 -3.98
C ALA A 273 9.86 10.02 -2.92
N TYR A 274 9.68 9.68 -1.65
CA TYR A 274 9.85 10.70 -0.64
C TYR A 274 11.28 11.25 -0.64
N TYR A 275 12.27 10.38 -0.89
CA TYR A 275 13.64 10.86 -0.92
C TYR A 275 13.86 11.82 -2.09
N GLU A 276 13.10 11.66 -3.15
CA GLU A 276 13.21 12.58 -4.30
C GLU A 276 12.53 13.89 -3.93
N ILE A 277 11.43 13.80 -3.17
CA ILE A 277 10.70 14.97 -2.73
C ILE A 277 11.56 15.84 -1.80
N CYS A 278 12.40 15.20 -1.00
CA CYS A 278 13.27 15.95 -0.09
C CYS A 278 14.24 16.83 -0.85
N ASP A 279 14.68 16.34 -2.00
CA ASP A 279 15.61 17.06 -2.85
C ASP A 279 14.81 18.17 -3.53
N PHE A 280 13.64 17.81 -4.04
CA PHE A 280 12.74 18.74 -4.72
C PHE A 280 12.36 19.94 -3.87
N LEU A 281 12.28 19.74 -2.56
CA LEU A 281 11.89 20.80 -1.64
C LEU A 281 12.83 22.00 -1.61
N HIS A 282 14.11 21.78 -1.93
CA HIS A 282 15.07 22.87 -1.97
C HIS A 282 14.69 23.80 -3.12
N GLY A 283 14.28 25.01 -2.77
CA GLY A 283 13.88 25.99 -3.77
C GLY A 283 12.40 25.93 -4.08
N ALA A 284 11.67 25.14 -3.31
CA ALA A 284 10.23 25.02 -3.51
C ALA A 284 9.45 25.79 -2.46
N THR A 285 8.18 26.02 -2.74
CA THR A 285 7.31 26.72 -1.81
C THR A 285 6.43 25.64 -1.17
N THR A 286 6.44 25.57 0.16
CA THR A 286 5.64 24.56 0.84
C THR A 286 4.37 25.11 1.46
N HIS A 287 3.28 24.40 1.26
CA HIS A 287 1.97 24.79 1.79
C HIS A 287 1.36 23.59 2.49
N ARG A 288 0.28 23.82 3.24
CA ARG A 288 -0.40 22.73 3.93
C ARG A 288 -1.90 22.99 4.05
N PHE A 289 -2.70 22.02 3.63
CA PHE A 289 -4.14 22.14 3.74
C PHE A 289 -4.49 21.93 5.21
N ARG A 290 -4.94 22.99 5.87
CA ARG A 290 -5.29 22.90 7.29
C ARG A 290 -6.41 21.90 7.53
N ASP A 291 -7.47 21.98 6.74
CA ASP A 291 -8.60 21.08 6.89
C ASP A 291 -8.26 19.62 6.62
N GLN A 292 -7.60 19.37 5.49
CA GLN A 292 -7.23 18.01 5.12
C GLN A 292 -6.02 17.49 5.90
N GLN A 293 -5.19 18.43 6.37
CA GLN A 293 -4.01 18.14 7.16
C GLN A 293 -2.86 17.47 6.42
N VAL A 294 -2.69 17.81 5.15
CA VAL A 294 -1.61 17.25 4.36
C VAL A 294 -0.90 18.37 3.62
N PRO A 295 0.40 18.20 3.35
CA PRO A 295 1.15 19.24 2.64
C PRO A 295 1.25 19.05 1.14
N TYR A 296 1.74 20.10 0.48
CA TYR A 296 1.99 20.10 -0.95
C TYR A 296 3.06 21.15 -1.22
N ALA A 297 3.71 21.04 -2.37
CA ALA A 297 4.76 21.99 -2.72
C ALA A 297 4.76 22.31 -4.20
N THR A 298 5.34 23.46 -4.55
CA THR A 298 5.44 23.90 -5.93
C THR A 298 6.79 24.51 -6.20
N LYS A 299 7.21 24.43 -7.44
CA LYS A 299 8.49 24.94 -7.91
C LYS A 299 8.27 24.98 -9.42
N GLY A 300 8.46 26.15 -10.02
CA GLY A 300 8.26 26.28 -11.45
C GLY A 300 6.83 25.92 -11.81
N ASN A 301 6.65 24.97 -12.73
CA ASN A 301 5.32 24.56 -13.13
C ASN A 301 5.01 23.16 -12.57
N GLN A 302 5.72 22.79 -11.50
CA GLN A 302 5.53 21.49 -10.87
C GLN A 302 4.81 21.61 -9.54
N TRP A 303 3.76 20.81 -9.36
CA TRP A 303 2.97 20.81 -8.13
C TRP A 303 3.03 19.41 -7.53
N VAL A 304 3.38 19.32 -6.25
CA VAL A 304 3.51 18.02 -5.58
C VAL A 304 2.68 17.87 -4.30
N ALA A 305 1.87 16.81 -4.24
CA ALA A 305 1.05 16.50 -3.07
C ALA A 305 1.75 15.34 -2.41
N TYR A 306 2.21 15.53 -1.18
CA TYR A 306 2.94 14.48 -0.49
C TYR A 306 2.58 14.40 0.99
N ASP A 307 3.34 13.57 1.70
CA ASP A 307 3.18 13.35 3.13
C ASP A 307 4.53 13.53 3.81
N ASP A 308 4.57 14.30 4.90
CA ASP A 308 5.83 14.45 5.61
C ASP A 308 5.71 13.81 7.00
N GLN A 309 6.73 13.97 7.83
CA GLN A 309 6.69 13.35 9.16
C GLN A 309 5.49 13.79 9.99
N GLU A 310 5.10 15.05 9.86
CA GLU A 310 3.97 15.55 10.60
C GLU A 310 2.63 14.97 10.12
N SER A 311 2.37 15.01 8.82
CA SER A 311 1.10 14.49 8.31
C SER A 311 1.01 13.00 8.63
N VAL A 312 2.14 12.32 8.52
CA VAL A 312 2.20 10.90 8.80
C VAL A 312 1.97 10.59 10.28
N LYS A 313 2.50 11.41 11.18
CA LYS A 313 2.31 11.17 12.61
C LYS A 313 0.86 11.44 12.94
N ASN A 314 0.31 12.44 12.25
CA ASN A 314 -1.06 12.83 12.44
C ASN A 314 -2.00 11.70 12.03
N LYS A 315 -1.71 11.05 10.91
CA LYS A 315 -2.52 9.94 10.44
C LYS A 315 -2.40 8.75 11.40
N ALA A 316 -1.22 8.57 11.98
CA ALA A 316 -0.98 7.48 12.93
C ALA A 316 -1.77 7.68 14.22
N ARG A 317 -1.89 8.92 14.69
CA ARG A 317 -2.64 9.20 15.91
C ARG A 317 -4.13 8.96 15.64
N TYR A 318 -4.58 9.40 14.47
CA TYR A 318 -5.97 9.22 14.05
C TYR A 318 -6.35 7.74 14.14
N LEU A 319 -5.51 6.92 13.51
CA LEU A 319 -5.68 5.48 13.45
C LEU A 319 -5.77 4.86 14.86
N LYS A 320 -4.95 5.36 15.78
CA LYS A 320 -4.96 4.87 17.15
C LYS A 320 -6.24 5.27 17.87
N ASN A 321 -6.63 6.53 17.67
CA ASN A 321 -7.83 7.06 18.29
C ASN A 321 -9.08 6.32 17.87
N ARG A 322 -9.04 5.76 16.66
CA ARG A 322 -10.17 4.99 16.16
C ARG A 322 -10.00 3.50 16.49
N GLN A 323 -8.90 3.19 17.16
CA GLN A 323 -8.61 1.82 17.57
C GLN A 323 -8.45 0.81 16.44
N LEU A 324 -7.79 1.20 15.36
CA LEU A 324 -7.60 0.28 14.26
C LEU A 324 -6.44 -0.67 14.57
N ALA A 325 -6.32 -1.74 13.80
CA ALA A 325 -5.28 -2.74 14.01
C ALA A 325 -3.86 -2.19 13.81
N GLY A 326 -3.75 -1.14 12.99
CA GLY A 326 -2.44 -0.57 12.78
C GLY A 326 -2.32 0.22 11.49
N ALA A 327 -1.10 0.36 11.00
CA ALA A 327 -0.83 1.08 9.77
C ALA A 327 -0.14 0.22 8.72
N MET A 328 -0.31 0.63 7.46
CA MET A 328 0.29 -0.04 6.31
C MET A 328 1.03 1.05 5.56
N VAL A 329 2.25 0.74 5.15
CA VAL A 329 3.10 1.67 4.44
C VAL A 329 3.45 1.19 3.03
N TRP A 330 3.23 2.07 2.05
CA TRP A 330 3.58 1.78 0.68
C TRP A 330 4.47 2.95 0.26
N ALA A 331 5.77 2.73 0.08
CA ALA A 331 6.42 1.43 0.28
C ALA A 331 7.83 1.72 0.83
N LEU A 332 8.42 0.76 1.52
CA LEU A 332 9.76 0.94 2.10
C LEU A 332 10.80 1.52 1.16
N ASP A 333 10.81 1.06 -0.09
CA ASP A 333 11.78 1.52 -1.07
C ASP A 333 11.55 2.94 -1.57
N LEU A 334 10.41 3.54 -1.21
CA LEU A 334 10.12 4.91 -1.65
C LEU A 334 10.41 5.89 -0.51
N ASP A 335 10.66 5.35 0.68
CA ASP A 335 10.98 6.16 1.86
C ASP A 335 12.48 6.43 1.68
N ASP A 336 13.06 7.32 2.49
CA ASP A 336 14.49 7.59 2.39
C ASP A 336 15.18 6.42 3.11
N PHE A 337 15.26 5.26 2.44
CA PHE A 337 15.84 4.08 3.05
C PHE A 337 17.34 4.17 3.36
N ARG A 338 18.07 5.01 2.62
CA ARG A 338 19.50 5.18 2.88
C ARG A 338 19.72 6.20 3.99
N GLY A 339 18.75 7.10 4.14
CA GLY A 339 18.85 8.13 5.17
C GLY A 339 19.80 9.24 4.77
N THR A 340 20.10 9.32 3.49
CA THR A 340 21.04 10.31 2.98
C THR A 340 20.45 11.41 2.09
N PHE A 341 19.13 11.49 1.95
CA PHE A 341 18.53 12.53 1.10
C PHE A 341 17.73 13.60 1.84
N CYS A 342 17.11 13.21 2.96
CA CYS A 342 16.24 14.11 3.68
C CYS A 342 16.75 14.92 4.87
N GLY A 343 18.06 15.13 4.96
CA GLY A 343 18.59 15.88 6.08
C GLY A 343 18.87 14.93 7.22
N GLN A 344 17.99 14.90 8.23
CA GLN A 344 18.17 14.01 9.37
C GLN A 344 18.87 12.73 8.95
N ASN A 345 19.94 12.36 9.65
CA ASN A 345 20.67 11.15 9.32
C ASN A 345 19.86 9.93 9.76
N LEU A 346 18.54 10.08 9.71
CA LEU A 346 17.62 9.04 10.11
C LEU A 346 17.22 8.18 8.90
N THR A 347 17.34 6.88 9.04
CA THR A 347 16.97 5.94 7.98
C THR A 347 15.45 5.70 8.05
N PHE A 348 14.77 5.62 6.91
CA PHE A 348 13.31 5.43 6.88
C PHE A 348 12.60 6.46 7.77
N PRO A 349 12.80 7.75 7.49
CA PRO A 349 12.16 8.80 8.30
C PRO A 349 10.63 8.74 8.39
N LEU A 350 9.97 8.48 7.26
CA LEU A 350 8.51 8.41 7.26
C LEU A 350 7.99 7.21 8.02
N THR A 351 8.53 6.03 7.73
CA THR A 351 8.08 4.82 8.40
C THR A 351 8.40 4.86 9.90
N SER A 352 9.53 5.45 10.25
CA SER A 352 9.95 5.59 11.66
C SER A 352 9.01 6.50 12.45
N ALA A 353 8.59 7.60 11.82
CA ALA A 353 7.68 8.54 12.46
C ALA A 353 6.36 7.85 12.78
N VAL A 354 5.93 6.93 11.93
CA VAL A 354 4.69 6.21 12.18
C VAL A 354 4.90 5.25 13.35
N LYS A 355 6.00 4.50 13.30
CA LYS A 355 6.34 3.54 14.34
C LYS A 355 6.45 4.19 15.71
N ASP A 356 7.07 5.36 15.78
CA ASP A 356 7.21 6.07 17.04
C ASP A 356 5.85 6.41 17.63
N VAL A 357 4.92 6.86 16.79
CA VAL A 357 3.58 7.19 17.28
C VAL A 357 2.85 5.93 17.74
N LEU A 358 2.95 4.87 16.94
CA LEU A 358 2.30 3.61 17.28
C LEU A 358 2.82 3.03 18.59
N ALA A 359 4.09 3.28 18.88
CA ALA A 359 4.72 2.76 20.09
C ALA A 359 4.36 3.45 21.41
N ARG A 360 3.82 4.66 21.35
CA ARG A 360 3.49 5.37 22.58
C ARG A 360 2.13 5.03 23.22
N VAL A 361 1.46 4.00 22.70
CA VAL A 361 0.16 3.52 23.21
C VAL A 361 -1.07 4.21 22.61
C1 NAG B . 2.98 -13.97 -15.47
C2 NAG B . 4.14 -13.73 -16.43
C3 NAG B . 3.68 -13.78 -17.96
C4 NAG B . 2.67 -14.92 -18.27
C5 NAG B . 1.57 -14.85 -17.19
C6 NAG B . 0.55 -15.92 -17.33
C7 NAG B . 6.07 -12.38 -15.80
C8 NAG B . 6.69 -11.00 -15.82
N2 NAG B . 4.77 -12.47 -16.08
O3 NAG B . 4.85 -14.06 -18.71
O4 NAG B . 2.11 -14.87 -19.64
O5 NAG B . 2.15 -15.05 -15.88
O6 NAG B . 1.21 -17.15 -17.53
O7 NAG B . 6.77 -13.37 -15.55
C1 NAG B . 2.88 -14.92 -20.87
C2 NAG B . 1.84 -14.70 -22.03
C3 NAG B . 2.12 -15.27 -23.41
C4 NAG B . 3.47 -15.87 -23.57
C5 NAG B . 4.03 -16.62 -22.33
C6 NAG B . 5.53 -16.44 -22.16
C7 NAG B . -0.53 -14.26 -21.95
C8 NAG B . -0.15 -12.80 -22.12
N2 NAG B . 0.48 -15.12 -21.70
O3 NAG B . 2.00 -14.21 -24.35
O4 NAG B . 3.48 -16.73 -24.75
O5 NAG B . 3.42 -16.26 -21.03
O6 NAG B . 5.99 -15.11 -22.42
O7 NAG B . -1.72 -14.60 -22.04
C1 MAN B . 2.70 -16.40 -25.91
C2 MAN B . 2.94 -17.37 -27.09
C3 MAN B . 2.07 -16.99 -28.30
C4 MAN B . 0.58 -16.86 -27.92
C5 MAN B . 0.41 -15.99 -26.65
C6 MAN B . -1.01 -16.05 -26.09
O2 MAN B . 2.61 -18.69 -26.67
O3 MAN B . 2.19 -18.00 -29.30
O4 MAN B . -0.18 -16.32 -29.05
O5 MAN B . 1.30 -16.46 -25.58
O6 MAN B . -1.52 -14.76 -25.83
C1 MAN B . -0.36 -14.93 -29.16
C2 MAN B . -1.85 -14.54 -29.00
C3 MAN B . -2.68 -14.64 -30.29
C4 MAN B . -1.93 -14.13 -31.51
C5 MAN B . -0.52 -14.74 -31.58
C6 MAN B . 0.24 -14.15 -32.75
O2 MAN B . -1.95 -13.23 -28.45
O3 MAN B . -3.87 -13.87 -30.13
O4 MAN B . -2.66 -14.45 -32.72
O5 MAN B . 0.23 -14.43 -30.38
O6 MAN B . 1.64 -14.40 -32.66
C1 MAN B . -3.01 -15.78 -32.92
C2 MAN B . -4.53 -15.95 -32.92
C3 MAN B . -4.91 -17.40 -33.24
C4 MAN B . -4.21 -17.88 -34.51
C5 MAN B . -2.70 -17.63 -34.41
C6 MAN B . -1.96 -18.01 -35.68
O2 MAN B . -5.11 -15.08 -33.90
O3 MAN B . -6.32 -17.50 -33.41
O4 MAN B . -4.44 -19.26 -34.70
O5 MAN B . -2.45 -16.23 -34.16
O6 MAN B . -0.57 -17.73 -35.57
C1 NAG C . -4.18 3.40 -9.44
C2 NAG C . -2.65 3.50 -9.48
C3 NAG C . -1.99 2.48 -8.54
C4 NAG C . -2.70 2.24 -7.18
C5 NAG C . -4.25 2.38 -7.27
C6 NAG C . -4.90 2.60 -5.92
C7 NAG C . -1.98 4.31 -11.67
C8 NAG C . -0.54 4.73 -11.91
N2 NAG C . -2.18 3.29 -10.84
O1 NAG C . -4.73 4.43 -10.17
O3 NAG C . -0.65 2.89 -8.30
O4 NAG C . -2.38 0.88 -6.74
O5 NAG C . -4.62 3.52 -8.09
O6 NAG C . -4.63 1.54 -5.02
O7 NAG C . -2.91 4.90 -12.22
C1 NAG C . -1.83 0.60 -5.48
C2 NAG C . -1.01 -0.71 -5.55
C3 NAG C . 0.20 -0.59 -6.51
C4 NAG C . 0.30 0.88 -6.93
C5 NAG C . 0.34 1.71 -5.64
C6 NAG C . 0.77 3.15 -5.82
C7 NAG C . -0.78 -2.28 -3.72
C8 NAG C . -1.11 -2.36 -2.24
N2 NAG C . -0.53 -1.07 -4.22
O3 NAG C . 0.00 -1.40 -7.65
O4 NAG C . 1.38 1.18 -7.85
O5 NAG C . -0.98 1.71 -5.04
O6 NAG C . -0.34 3.97 -6.11
O7 NAG C . -0.76 -3.29 -4.40
C1 NAG C . 2.51 0.41 -7.88
C2 NAG C . 3.67 1.19 -8.53
C3 NAG C . 3.67 1.04 -10.01
C4 NAG C . 3.71 -0.41 -10.31
C5 NAG C . 2.50 -1.15 -9.84
C6 NAG C . 2.84 -2.63 -9.98
C7 NAG C . 4.29 3.15 -7.28
C8 NAG C . 4.12 4.64 -7.08
N2 NAG C . 3.53 2.59 -8.22
O3 NAG C . 4.82 1.70 -10.54
O4 NAG C . 3.77 -0.59 -11.71
O5 NAG C . 2.22 -0.91 -8.44
O6 NAG C . 1.67 -3.42 -10.15
O7 NAG C . 5.09 2.51 -6.59
C1 NAG C . 5.16 -0.73 -12.20
C2 NAG C . 5.41 -2.13 -12.79
C3 NAG C . 6.92 -2.38 -12.80
C4 NAG C . 7.48 -1.17 -13.55
C5 NAG C . 7.34 -0.03 -12.61
C6 NAG C . 8.20 1.22 -12.83
C7 NAG C . 4.29 -4.26 -12.46
C8 NAG C . 3.82 -5.30 -11.44
N2 NAG C . 4.70 -3.09 -11.97
O3 NAG C . 7.20 -3.60 -13.46
O4 NAG C . 8.80 -1.29 -14.00
O5 NAG C . 5.98 0.34 -12.69
O6 NAG C . 7.81 1.92 -14.00
O7 NAG C . 4.28 -4.53 -13.67
C1 NAG C . 9.90 -2.13 -14.12
C2 NAG C . 11.39 -1.75 -14.26
C3 NAG C . 12.15 -2.63 -15.26
C4 NAG C . 11.79 -4.11 -14.96
C5 NAG C . 10.30 -4.24 -15.21
C6 NAG C . 9.77 -5.65 -15.28
C7 NAG C . 11.42 0.73 -15.38
C8 NAG C . 11.95 0.60 -16.81
N2 NAG C . 11.56 -0.32 -14.56
O3 NAG C . 13.54 -2.41 -15.11
O4 NAG C . 12.55 -5.05 -15.78
O5 NAG C . 9.64 -3.54 -14.14
O6 NAG C . 9.88 -6.33 -14.04
O7 NAG C . 10.94 1.81 -15.01
C1 NAG C . 13.90 -5.38 -15.89
C2 NAG C . 14.11 -6.76 -16.52
C3 NAG C . 15.53 -7.17 -16.11
C4 NAG C . 16.46 -6.22 -16.88
C5 NAG C . 16.15 -4.71 -16.62
C6 NAG C . 16.70 -3.89 -17.79
C7 NAG C . 13.12 -8.79 -15.47
C8 NAG C . 13.99 -9.96 -15.91
N2 NAG C . 13.03 -7.70 -16.25
O3 NAG C . 15.82 -8.51 -16.46
O4 NAG C . 17.82 -6.49 -16.55
O5 NAG C . 14.73 -4.42 -16.58
O6 NAG C . 15.74 -2.95 -18.26
O7 NAG C . 12.46 -8.89 -14.43
#